data_3E48
#
_entry.id   3E48
#
_cell.length_a   65.086
_cell.length_b   67.188
_cell.length_c   141.582
_cell.angle_alpha   90.00
_cell.angle_beta   90.00
_cell.angle_gamma   90.00
#
_symmetry.space_group_name_H-M   'P 21 21 21'
#
loop_
_entity.id
_entity.type
_entity.pdbx_description
1 polymer 'Putative nucleoside-diphosphate-sugar epimerase'
2 non-polymer 'MAGNESIUM ION'
3 water water
#
_entity_poly.entity_id   1
_entity_poly.type   'polypeptide(L)'
_entity_poly.pdbx_seq_one_letter_code
;(MSE)NI(MSE)LTGATGHLGTHITNQAIANHIDHFHIGVRNVEKVPDDWRGKVSVRQLDYFNQES(MSE)VEAFKG
(MSE)DTVVFIPSIIHPSFKRIPEVENLVYAAKQSGVAHIIFIGYYADQHNNPFH(MSE)SPYFGYASRLLSTSGIDYTY
VR(MSE)A(MSE)Y(MSE)DPLKPYLPEL(MSE)N(MSE)HKLIYPAGDGRINYITRNDIARGVIAIIKNPDTWGKRYLL
SGYSYD(MSE)KELAAILSEASGTEIKYEPVSLETFAE(MSE)YDEPKGFGALLAS(MSE)YHAGARGLLDQESNDFKQL
VNDQPQTLQSFLQENILEHHHHHH
;
_entity_poly.pdbx_strand_id   A,B
#
loop_
_chem_comp.id
_chem_comp.type
_chem_comp.name
_chem_comp.formula
MG non-polymer 'MAGNESIUM ION' 'Mg 2'
#
# COMPACT_ATOMS: atom_id res chain seq x y z
N MSE A 1 -6.59 6.52 -31.47
CA MSE A 1 -6.06 6.22 -30.10
C MSE A 1 -5.83 4.72 -29.99
O MSE A 1 -6.79 3.93 -30.03
CB MSE A 1 -7.05 6.71 -29.04
CG MSE A 1 -6.50 6.84 -27.63
SE MSE A 1 -6.74 5.25 -26.54
CE MSE A 1 -8.65 5.37 -26.27
N ASN A 2 -4.57 4.32 -29.85
CA ASN A 2 -4.20 2.93 -29.74
C ASN A 2 -4.41 2.37 -28.35
N ILE A 3 -5.27 1.36 -28.26
CA ILE A 3 -5.61 0.69 -27.02
C ILE A 3 -4.88 -0.65 -26.95
N MSE A 4 -4.31 -0.97 -25.80
CA MSE A 4 -3.62 -2.24 -25.58
C MSE A 4 -4.21 -2.90 -24.35
O MSE A 4 -4.17 -2.35 -23.25
CB MSE A 4 -2.13 -2.01 -25.37
CG MSE A 4 -1.39 -3.18 -24.69
SE MSE A 4 -1.48 -4.87 -25.62
CE MSE A 4 -0.47 -4.39 -27.19
N LEU A 5 -4.80 -4.09 -24.54
CA LEU A 5 -5.39 -4.84 -23.44
C LEU A 5 -4.45 -6.01 -23.11
N THR A 6 -3.93 -6.04 -21.89
CA THR A 6 -3.03 -7.12 -21.48
C THR A 6 -3.86 -8.23 -20.84
N GLY A 7 -3.31 -9.45 -20.79
CA GLY A 7 -4.03 -10.56 -20.21
C GLY A 7 -5.36 -10.79 -20.92
N ALA A 8 -5.39 -10.45 -22.20
CA ALA A 8 -6.59 -10.56 -23.02
C ALA A 8 -7.24 -11.92 -23.10
N THR A 9 -6.46 -13.00 -22.97
CA THR A 9 -7.03 -14.33 -23.07
C THR A 9 -7.48 -14.95 -21.76
N GLY A 10 -7.39 -14.18 -20.68
CA GLY A 10 -7.85 -14.70 -19.40
C GLY A 10 -9.36 -14.53 -19.34
N HIS A 11 -9.97 -14.89 -18.21
CA HIS A 11 -11.42 -14.78 -18.07
C HIS A 11 -11.98 -13.40 -18.38
N LEU A 12 -11.52 -12.39 -17.63
CA LEU A 12 -12.02 -11.03 -17.83
C LEU A 12 -11.58 -10.48 -19.18
N GLY A 13 -10.33 -10.74 -19.55
CA GLY A 13 -9.82 -10.24 -20.82
C GLY A 13 -10.64 -10.73 -22.00
N THR A 14 -11.13 -11.96 -21.91
CA THR A 14 -11.92 -12.52 -22.99
C THR A 14 -13.23 -11.74 -23.14
N HIS A 15 -13.86 -11.41 -22.02
CA HIS A 15 -15.10 -10.62 -22.05
C HIS A 15 -14.84 -9.26 -22.68
N ILE A 16 -13.79 -8.58 -22.21
CA ILE A 16 -13.48 -7.26 -22.74
C ILE A 16 -13.15 -7.32 -24.23
N THR A 17 -12.35 -8.29 -24.64
CA THR A 17 -11.99 -8.40 -26.05
C THR A 17 -13.22 -8.68 -26.92
N ASN A 18 -14.06 -9.63 -26.52
CA ASN A 18 -15.25 -9.93 -27.31
C ASN A 18 -16.16 -8.71 -27.42
N GLN A 19 -16.28 -7.95 -26.33
CA GLN A 19 -17.13 -6.77 -26.37
C GLN A 19 -16.53 -5.67 -27.26
N ALA A 20 -15.21 -5.54 -27.26
CA ALA A 20 -14.52 -4.54 -28.07
C ALA A 20 -14.69 -4.88 -29.55
N ILE A 21 -14.63 -6.17 -29.86
CA ILE A 21 -14.80 -6.60 -31.24
C ILE A 21 -16.25 -6.40 -31.68
N ALA A 22 -17.20 -6.76 -30.83
CA ALA A 22 -18.61 -6.61 -31.15
C ALA A 22 -19.02 -5.15 -31.34
N ASN A 23 -18.31 -4.26 -30.64
CA ASN A 23 -18.59 -2.83 -30.73
C ASN A 23 -17.72 -2.15 -31.79
N HIS A 24 -16.86 -2.94 -32.44
CA HIS A 24 -15.97 -2.43 -33.49
C HIS A 24 -15.06 -1.29 -33.03
N ILE A 25 -14.51 -1.41 -31.81
CA ILE A 25 -13.61 -0.39 -31.28
C ILE A 25 -12.38 -0.30 -32.18
N ASP A 26 -12.03 0.92 -32.58
CA ASP A 26 -10.87 1.13 -33.45
C ASP A 26 -9.54 1.03 -32.72
N HIS A 27 -8.50 0.65 -33.46
CA HIS A 27 -7.13 0.54 -32.94
C HIS A 27 -7.03 -0.27 -31.66
N PHE A 28 -7.66 -1.44 -31.65
CA PHE A 28 -7.65 -2.30 -30.47
C PHE A 28 -6.54 -3.35 -30.60
N HIS A 29 -5.69 -3.41 -29.59
CA HIS A 29 -4.57 -4.36 -29.58
C HIS A 29 -4.66 -5.22 -28.32
N ILE A 30 -4.16 -6.46 -28.41
CA ILE A 30 -4.15 -7.34 -27.24
C ILE A 30 -2.75 -7.88 -27.07
N GLY A 31 -2.38 -8.16 -25.83
CA GLY A 31 -1.07 -8.72 -25.55
C GLY A 31 -1.26 -10.10 -24.94
N VAL A 32 -0.49 -11.07 -25.46
CA VAL A 32 -0.57 -12.44 -24.97
C VAL A 32 0.86 -12.98 -24.85
N ARG A 33 1.09 -13.85 -23.87
CA ARG A 33 2.44 -14.38 -23.67
C ARG A 33 2.94 -15.20 -24.84
N ASN A 34 2.04 -15.95 -25.48
CA ASN A 34 2.39 -16.77 -26.64
C ASN A 34 1.31 -16.57 -27.71
N VAL A 35 1.68 -15.87 -28.78
CA VAL A 35 0.77 -15.54 -29.88
C VAL A 35 -0.01 -16.68 -30.52
N GLU A 36 0.49 -17.91 -30.42
CA GLU A 36 -0.22 -19.04 -31.01
C GLU A 36 -1.48 -19.38 -30.23
N LYS A 37 -1.55 -18.93 -28.97
CA LYS A 37 -2.70 -19.20 -28.13
C LYS A 37 -3.79 -18.14 -28.23
N VAL A 38 -3.98 -17.60 -29.42
CA VAL A 38 -5.01 -16.60 -29.64
C VAL A 38 -6.19 -17.29 -30.32
N PRO A 39 -7.42 -17.04 -29.83
CA PRO A 39 -8.62 -17.65 -30.41
C PRO A 39 -8.68 -17.41 -31.93
N ASP A 40 -9.02 -18.44 -32.68
CA ASP A 40 -9.11 -18.29 -34.14
C ASP A 40 -10.13 -17.23 -34.53
N ASP A 41 -11.15 -17.07 -33.69
CA ASP A 41 -12.21 -16.10 -33.95
C ASP A 41 -11.73 -14.66 -33.84
N TRP A 42 -10.60 -14.45 -33.16
CA TRP A 42 -10.06 -13.10 -33.00
C TRP A 42 -9.08 -12.74 -34.09
N ARG A 43 -8.58 -13.75 -34.79
CA ARG A 43 -7.62 -13.56 -35.87
C ARG A 43 -8.14 -12.57 -36.92
N GLY A 44 -7.41 -11.48 -37.11
CA GLY A 44 -7.81 -10.50 -38.10
C GLY A 44 -8.76 -9.43 -37.57
N LYS A 45 -9.28 -9.63 -36.36
CA LYS A 45 -10.21 -8.69 -35.75
C LYS A 45 -9.52 -7.75 -34.76
N VAL A 46 -8.39 -8.18 -34.22
CA VAL A 46 -7.63 -7.36 -33.28
C VAL A 46 -6.14 -7.52 -33.59
N SER A 47 -5.35 -6.52 -33.21
CA SER A 47 -3.91 -6.59 -33.44
C SER A 47 -3.33 -7.36 -32.27
N VAL A 48 -2.39 -8.25 -32.55
CA VAL A 48 -1.79 -9.06 -31.49
C VAL A 48 -0.32 -8.79 -31.28
N ARG A 49 0.08 -8.68 -30.01
CA ARG A 49 1.48 -8.47 -29.70
C ARG A 49 1.88 -9.42 -28.58
N GLN A 50 3.13 -9.88 -28.63
CA GLN A 50 3.64 -10.79 -27.61
C GLN A 50 3.95 -9.96 -26.37
N LEU A 51 3.54 -10.47 -25.22
CA LEU A 51 3.72 -9.76 -23.96
C LEU A 51 3.76 -10.74 -22.79
N ASP A 52 4.86 -10.73 -22.06
CA ASP A 52 5.05 -11.59 -20.91
C ASP A 52 5.15 -10.67 -19.68
N TYR A 53 4.22 -10.82 -18.74
CA TYR A 53 4.18 -10.00 -17.53
C TYR A 53 5.47 -9.97 -16.73
N PHE A 54 6.23 -11.06 -16.81
CA PHE A 54 7.47 -11.11 -16.06
C PHE A 54 8.73 -10.95 -16.91
N ASN A 55 8.55 -10.29 -18.05
CA ASN A 55 9.67 -10.01 -18.93
C ASN A 55 9.50 -8.53 -19.26
N GLN A 56 10.27 -7.71 -18.55
CA GLN A 56 10.18 -6.27 -18.72
C GLN A 56 10.38 -5.82 -20.16
N GLU A 57 11.36 -6.43 -20.84
CA GLU A 57 11.65 -6.10 -22.23
C GLU A 57 10.44 -6.32 -23.14
N SER A 58 9.74 -7.43 -22.97
CA SER A 58 8.58 -7.71 -23.81
C SER A 58 7.50 -6.65 -23.63
N MSE A 59 7.35 -6.15 -22.40
CA MSE A 59 6.32 -5.15 -22.18
C MSE A 59 6.72 -3.79 -22.76
O MSE A 59 5.88 -3.06 -23.29
CB MSE A 59 6.00 -5.07 -20.69
CG MSE A 59 5.33 -6.34 -20.18
SE MSE A 59 4.73 -6.24 -18.36
CE MSE A 59 3.79 -4.58 -18.49
N VAL A 60 8.00 -3.45 -22.68
CA VAL A 60 8.48 -2.20 -23.25
C VAL A 60 8.16 -2.20 -24.75
N GLU A 61 8.48 -3.30 -25.43
CA GLU A 61 8.23 -3.42 -26.87
C GLU A 61 6.73 -3.45 -27.19
N ALA A 62 5.96 -4.21 -26.41
CA ALA A 62 4.52 -4.32 -26.66
C ALA A 62 3.79 -2.98 -26.53
N PHE A 63 4.30 -2.09 -25.69
CA PHE A 63 3.68 -0.79 -25.46
C PHE A 63 4.07 0.30 -26.47
N LYS A 64 5.03 0.00 -27.35
CA LYS A 64 5.44 1.01 -28.33
C LYS A 64 4.25 1.46 -29.17
N GLY A 65 4.03 2.76 -29.21
CA GLY A 65 2.92 3.29 -29.98
C GLY A 65 1.56 3.22 -29.30
N MSE A 66 1.49 2.63 -28.11
CA MSE A 66 0.22 2.52 -27.42
C MSE A 66 -0.08 3.79 -26.64
O MSE A 66 0.82 4.42 -26.08
CB MSE A 66 0.23 1.32 -26.47
CG MSE A 66 0.40 -0.03 -27.18
SE MSE A 66 -0.94 -0.46 -28.52
CE MSE A 66 0.00 0.11 -30.10
N ASP A 67 -1.35 4.18 -26.63
CA ASP A 67 -1.78 5.39 -25.94
C ASP A 67 -2.45 5.05 -24.62
N THR A 68 -3.30 4.04 -24.62
CA THR A 68 -3.97 3.61 -23.41
C THR A 68 -3.73 2.13 -23.21
N VAL A 69 -3.23 1.77 -22.04
CA VAL A 69 -3.00 0.38 -21.69
C VAL A 69 -4.03 -0.02 -20.63
N VAL A 70 -4.74 -1.13 -20.88
CA VAL A 70 -5.71 -1.65 -19.93
C VAL A 70 -5.02 -2.86 -19.35
N PHE A 71 -4.64 -2.78 -18.07
CA PHE A 71 -3.91 -3.84 -17.41
C PHE A 71 -4.74 -4.75 -16.50
N ILE A 72 -4.68 -6.05 -16.76
CA ILE A 72 -5.40 -7.02 -15.95
C ILE A 72 -4.40 -7.84 -15.12
N PRO A 73 -4.40 -7.67 -13.79
CA PRO A 73 -3.45 -8.42 -12.95
C PRO A 73 -3.52 -9.93 -13.20
N SER A 74 -2.39 -10.60 -12.97
CA SER A 74 -2.31 -12.06 -13.13
C SER A 74 -2.88 -12.70 -11.87
N ILE A 75 -2.81 -14.03 -11.77
CA ILE A 75 -3.32 -14.74 -10.60
C ILE A 75 -2.19 -15.24 -9.71
N ILE A 76 -0.97 -14.86 -10.04
CA ILE A 76 0.21 -15.28 -9.27
C ILE A 76 0.10 -14.90 -7.80
N HIS A 77 0.52 -15.80 -6.91
CA HIS A 77 0.49 -15.51 -5.48
C HIS A 77 1.78 -16.06 -4.87
N PRO A 78 2.20 -15.53 -3.72
CA PRO A 78 1.57 -14.45 -2.95
C PRO A 78 1.89 -13.07 -3.54
N SER A 79 1.57 -12.01 -2.80
CA SER A 79 1.81 -10.64 -3.28
C SER A 79 3.25 -10.37 -3.74
N PHE A 80 4.23 -10.88 -3.00
CA PHE A 80 5.63 -10.64 -3.36
C PHE A 80 5.97 -11.15 -4.75
N LYS A 81 5.37 -12.26 -5.14
CA LYS A 81 5.63 -12.82 -6.45
C LYS A 81 4.89 -12.10 -7.57
N ARG A 82 3.79 -11.42 -7.22
CA ARG A 82 3.01 -10.72 -8.25
C ARG A 82 3.47 -9.28 -8.50
N ILE A 83 4.01 -8.64 -7.47
CA ILE A 83 4.50 -7.26 -7.54
C ILE A 83 5.32 -6.90 -8.80
N PRO A 84 6.24 -7.78 -9.21
CA PRO A 84 7.03 -7.45 -10.39
C PRO A 84 6.24 -7.04 -11.63
N GLU A 85 5.05 -7.62 -11.83
CA GLU A 85 4.27 -7.29 -13.01
C GLU A 85 3.82 -5.82 -13.03
N VAL A 86 3.52 -5.25 -11.86
CA VAL A 86 3.10 -3.85 -11.81
C VAL A 86 4.30 -2.93 -11.97
N GLU A 87 5.46 -3.38 -11.49
CA GLU A 87 6.70 -2.62 -11.65
C GLU A 87 6.98 -2.58 -13.14
N ASN A 88 6.78 -3.70 -13.81
CA ASN A 88 7.03 -3.76 -15.25
C ASN A 88 6.04 -2.89 -16.03
N LEU A 89 4.79 -2.88 -15.57
CA LEU A 89 3.76 -2.05 -16.22
C LEU A 89 4.17 -0.57 -16.22
N VAL A 90 4.54 -0.06 -15.06
CA VAL A 90 4.96 1.33 -14.93
C VAL A 90 6.25 1.63 -15.70
N TYR A 91 7.21 0.72 -15.61
CA TYR A 91 8.47 0.91 -16.31
C TYR A 91 8.25 1.01 -17.82
N ALA A 92 7.51 0.04 -18.36
CA ALA A 92 7.21 -0.02 -19.79
C ALA A 92 6.36 1.15 -20.26
N ALA A 93 5.38 1.55 -19.45
CA ALA A 93 4.52 2.67 -19.80
C ALA A 93 5.36 3.94 -19.93
N LYS A 94 6.26 4.16 -18.97
CA LYS A 94 7.12 5.34 -19.02
C LYS A 94 8.07 5.29 -20.21
N GLN A 95 8.74 4.15 -20.37
CA GLN A 95 9.71 3.99 -21.46
C GLN A 95 9.10 4.19 -22.84
N SER A 96 7.93 3.61 -23.08
CA SER A 96 7.28 3.70 -24.39
C SER A 96 6.31 4.86 -24.57
N GLY A 97 6.25 5.74 -23.58
CA GLY A 97 5.39 6.90 -23.67
C GLY A 97 3.89 6.68 -23.64
N VAL A 98 3.44 5.73 -22.84
CA VAL A 98 2.02 5.47 -22.70
C VAL A 98 1.42 6.64 -21.91
N ALA A 99 0.33 7.21 -22.41
CA ALA A 99 -0.27 8.36 -21.74
C ALA A 99 -1.34 8.04 -20.72
N HIS A 100 -1.93 6.86 -20.81
CA HIS A 100 -3.00 6.50 -19.90
C HIS A 100 -3.03 5.02 -19.57
N ILE A 101 -3.24 4.71 -18.30
CA ILE A 101 -3.33 3.33 -17.86
C ILE A 101 -4.63 3.11 -17.12
N ILE A 102 -5.37 2.08 -17.53
CA ILE A 102 -6.59 1.70 -16.85
C ILE A 102 -6.15 0.44 -16.12
N PHE A 103 -6.20 0.46 -14.80
CA PHE A 103 -5.76 -0.68 -13.98
C PHE A 103 -6.96 -1.37 -13.36
N ILE A 104 -7.10 -2.66 -13.58
CA ILE A 104 -8.24 -3.38 -13.00
C ILE A 104 -7.83 -4.01 -11.66
N GLY A 105 -8.25 -3.38 -10.58
CA GLY A 105 -7.92 -3.87 -9.26
C GLY A 105 -9.07 -4.53 -8.54
N TYR A 106 -8.75 -5.27 -7.49
CA TYR A 106 -9.75 -5.97 -6.67
C TYR A 106 -10.07 -5.10 -5.45
N TYR A 107 -11.34 -5.14 -5.01
CA TYR A 107 -11.74 -4.31 -3.88
C TYR A 107 -11.29 -4.71 -2.49
N ALA A 108 -10.60 -5.84 -2.36
CA ALA A 108 -10.10 -6.28 -1.05
C ALA A 108 -8.70 -5.69 -0.92
N ASP A 109 -8.65 -4.36 -0.78
CA ASP A 109 -7.38 -3.64 -0.71
C ASP A 109 -7.20 -2.63 0.41
N GLN A 110 -8.03 -2.68 1.45
CA GLN A 110 -7.88 -1.73 2.55
C GLN A 110 -6.59 -1.99 3.33
N HIS A 111 -6.13 -0.99 4.06
CA HIS A 111 -4.89 -1.13 4.83
C HIS A 111 -4.95 -2.27 5.84
N ASN A 112 -6.15 -2.66 6.24
CA ASN A 112 -6.31 -3.74 7.21
C ASN A 112 -7.06 -4.92 6.65
N ASN A 113 -6.99 -5.12 5.33
CA ASN A 113 -7.68 -6.26 4.72
C ASN A 113 -6.74 -7.47 4.76
N PRO A 114 -7.17 -8.56 5.44
CA PRO A 114 -6.40 -9.79 5.58
C PRO A 114 -6.25 -10.69 4.36
N PHE A 115 -6.92 -10.33 3.27
CA PHE A 115 -6.83 -11.13 2.05
C PHE A 115 -5.37 -11.13 1.63
N HIS A 116 -4.83 -12.32 1.37
CA HIS A 116 -3.43 -12.44 1.00
C HIS A 116 -2.95 -11.56 -0.16
N MSE A 117 -3.83 -11.18 -1.08
CA MSE A 117 -3.38 -10.33 -2.17
C MSE A 117 -3.55 -8.84 -1.91
O MSE A 117 -3.20 -8.02 -2.76
CB MSE A 117 -4.11 -10.72 -3.47
CG MSE A 117 -3.93 -12.18 -3.87
SE MSE A 117 -2.08 -12.78 -3.94
CE MSE A 117 -1.32 -11.36 -4.98
N SER A 118 -4.07 -8.46 -0.75
CA SER A 118 -4.25 -7.04 -0.50
C SER A 118 -2.95 -6.23 -0.61
N PRO A 119 -1.80 -6.78 -0.17
CA PRO A 119 -0.57 -5.99 -0.30
C PRO A 119 -0.28 -5.61 -1.76
N TYR A 120 -0.52 -6.54 -2.69
CA TYR A 120 -0.29 -6.27 -4.11
C TYR A 120 -1.17 -5.14 -4.60
N PHE A 121 -2.45 -5.17 -4.24
CA PHE A 121 -3.35 -4.12 -4.71
C PHE A 121 -3.08 -2.76 -4.07
N GLY A 122 -2.69 -2.77 -2.80
CA GLY A 122 -2.36 -1.51 -2.16
C GLY A 122 -1.10 -0.94 -2.81
N TYR A 123 -0.15 -1.82 -3.10
CA TYR A 123 1.10 -1.40 -3.73
C TYR A 123 0.87 -0.87 -5.14
N ALA A 124 0.05 -1.57 -5.92
CA ALA A 124 -0.22 -1.15 -7.30
C ALA A 124 -0.82 0.24 -7.40
N SER A 125 -1.86 0.50 -6.61
CA SER A 125 -2.51 1.81 -6.63
C SER A 125 -1.50 2.91 -6.33
N ARG A 126 -0.70 2.70 -5.29
CA ARG A 126 0.30 3.68 -4.90
C ARG A 126 1.41 3.85 -5.93
N LEU A 127 1.88 2.75 -6.50
CA LEU A 127 2.94 2.84 -7.51
C LEU A 127 2.44 3.65 -8.70
N LEU A 128 1.18 3.43 -9.09
CA LEU A 128 0.63 4.21 -10.21
C LEU A 128 0.66 5.69 -9.84
N SER A 129 0.27 6.01 -8.60
CA SER A 129 0.26 7.39 -8.12
C SER A 129 1.65 8.03 -8.21
N THR A 130 2.69 7.29 -7.85
CA THR A 130 4.06 7.83 -7.89
C THR A 130 4.63 7.98 -9.29
N SER A 131 4.07 7.25 -10.25
CA SER A 131 4.57 7.25 -11.63
C SER A 131 4.43 8.54 -12.41
N GLY A 132 3.40 9.32 -12.09
CA GLY A 132 3.18 10.56 -12.82
C GLY A 132 2.36 10.34 -14.08
N ILE A 133 2.05 9.08 -14.37
CA ILE A 133 1.25 8.75 -15.55
C ILE A 133 -0.23 8.78 -15.21
N ASP A 134 -1.05 9.32 -16.11
CA ASP A 134 -2.48 9.37 -15.86
C ASP A 134 -3.00 7.96 -15.77
N TYR A 135 -3.84 7.70 -14.78
CA TYR A 135 -4.41 6.38 -14.64
C TYR A 135 -5.81 6.41 -14.09
N THR A 136 -6.57 5.40 -14.49
CA THR A 136 -7.94 5.22 -14.05
C THR A 136 -7.89 3.91 -13.29
N TYR A 137 -8.15 3.97 -11.99
CA TYR A 137 -8.10 2.79 -11.13
C TYR A 137 -9.50 2.24 -10.92
N VAL A 138 -9.76 1.09 -11.54
CA VAL A 138 -11.07 0.45 -11.47
C VAL A 138 -11.07 -0.72 -10.50
N ARG A 139 -11.70 -0.55 -9.34
CA ARG A 139 -11.77 -1.64 -8.38
C ARG A 139 -13.00 -2.47 -8.69
N MSE A 140 -12.89 -3.79 -8.59
CA MSE A 140 -14.02 -4.66 -8.87
C MSE A 140 -14.37 -5.51 -7.65
O MSE A 140 -13.52 -5.81 -6.81
CB MSE A 140 -13.72 -5.55 -10.09
CG MSE A 140 -12.60 -6.57 -9.94
SE MSE A 140 -12.08 -7.48 -11.63
CE MSE A 140 -10.51 -8.38 -10.96
N ALA A 141 -15.65 -5.87 -7.56
CA ALA A 141 -16.11 -6.70 -6.45
C ALA A 141 -15.84 -8.16 -6.79
N MSE A 142 -16.29 -9.07 -5.94
CA MSE A 142 -16.06 -10.49 -6.14
C MSE A 142 -16.85 -11.10 -7.30
O MSE A 142 -18.05 -10.84 -7.46
CB MSE A 142 -16.40 -11.26 -4.84
CG MSE A 142 -15.83 -12.65 -4.78
SE MSE A 142 -16.33 -13.58 -3.17
CE MSE A 142 -15.14 -12.66 -1.96
N TYR A 143 -16.18 -11.90 -8.11
CA TYR A 143 -16.79 -12.55 -9.26
C TYR A 143 -17.97 -13.45 -8.91
N MSE A 144 -19.04 -13.35 -9.69
CA MSE A 144 -20.22 -14.19 -9.49
C MSE A 144 -19.95 -15.52 -10.20
O MSE A 144 -20.33 -16.59 -9.73
CB MSE A 144 -21.46 -13.56 -10.10
CG MSE A 144 -22.21 -12.63 -9.19
SE MSE A 144 -23.77 -11.92 -10.06
CE MSE A 144 -24.11 -10.41 -8.91
N ASP A 145 -19.28 -15.42 -11.34
CA ASP A 145 -18.99 -16.56 -12.20
C ASP A 145 -18.58 -17.90 -11.57
N PRO A 146 -17.66 -17.88 -10.59
CA PRO A 146 -17.21 -19.12 -9.94
C PRO A 146 -18.34 -19.93 -9.29
N LEU A 147 -19.41 -19.26 -8.91
CA LEU A 147 -20.54 -19.94 -8.27
C LEU A 147 -21.20 -21.00 -9.15
N LYS A 148 -21.26 -20.75 -10.45
CA LYS A 148 -21.88 -21.71 -11.36
C LYS A 148 -21.21 -23.08 -11.34
N PRO A 149 -19.88 -23.14 -11.56
CA PRO A 149 -19.17 -24.42 -11.55
C PRO A 149 -19.12 -25.04 -10.16
N TYR A 150 -19.34 -24.22 -9.15
CA TYR A 150 -19.30 -24.67 -7.76
C TYR A 150 -20.62 -25.32 -7.33
N LEU A 151 -21.69 -25.07 -8.09
CA LEU A 151 -23.00 -25.62 -7.75
C LEU A 151 -22.98 -27.13 -7.50
N PRO A 152 -22.38 -27.91 -8.42
CA PRO A 152 -22.32 -29.36 -8.25
C PRO A 152 -21.82 -29.78 -6.87
N GLU A 153 -20.73 -29.16 -6.41
CA GLU A 153 -20.19 -29.50 -5.10
C GLU A 153 -21.10 -29.02 -3.98
N LEU A 154 -21.70 -27.86 -4.16
CA LEU A 154 -22.61 -27.29 -3.16
C LEU A 154 -23.83 -28.18 -2.99
N MSE A 155 -24.42 -28.58 -4.11
CA MSE A 155 -25.60 -29.44 -4.10
C MSE A 155 -25.28 -30.77 -3.43
O MSE A 155 -26.11 -31.35 -2.74
CB MSE A 155 -26.09 -29.68 -5.53
CG MSE A 155 -26.27 -28.42 -6.34
SE MSE A 155 -26.76 -28.76 -8.17
CE MSE A 155 -25.54 -30.22 -8.55
N ASN A 156 -24.05 -31.23 -3.64
CA ASN A 156 -23.60 -32.49 -3.06
C ASN A 156 -23.47 -32.39 -1.54
N MSE A 157 -22.86 -31.32 -1.06
CA MSE A 157 -22.68 -31.13 0.38
C MSE A 157 -23.95 -30.62 1.04
O MSE A 157 -24.13 -30.79 2.25
CB MSE A 157 -21.56 -30.10 0.65
CG MSE A 157 -20.18 -30.47 0.13
SE MSE A 157 -18.87 -29.15 0.71
CE MSE A 157 -19.41 -27.69 -0.45
N HIS A 158 -24.83 -30.00 0.26
CA HIS A 158 -26.06 -29.43 0.78
C HIS A 158 -25.73 -28.32 1.77
N LYS A 159 -24.52 -27.77 1.66
CA LYS A 159 -24.09 -26.71 2.56
C LYS A 159 -23.11 -25.73 1.92
N LEU A 160 -23.25 -24.46 2.29
CA LEU A 160 -22.37 -23.40 1.82
C LEU A 160 -21.43 -23.27 3.02
N ILE A 161 -20.14 -23.53 2.82
CA ILE A 161 -19.19 -23.50 3.93
C ILE A 161 -18.17 -22.37 4.04
N TYR A 162 -18.31 -21.33 3.23
CA TYR A 162 -17.38 -20.21 3.29
C TYR A 162 -17.26 -19.67 4.72
N PRO A 163 -16.02 -19.53 5.23
CA PRO A 163 -15.81 -19.01 6.60
C PRO A 163 -15.92 -17.48 6.62
N ALA A 164 -17.09 -16.98 6.28
CA ALA A 164 -17.32 -15.54 6.22
C ALA A 164 -18.18 -14.97 7.34
N GLY A 165 -18.34 -15.74 8.42
CA GLY A 165 -19.14 -15.28 9.54
C GLY A 165 -20.50 -14.75 9.11
N ASP A 166 -20.87 -13.58 9.60
CA ASP A 166 -22.15 -12.99 9.23
C ASP A 166 -21.92 -11.80 8.31
N GLY A 167 -20.73 -11.73 7.73
CA GLY A 167 -20.42 -10.63 6.84
C GLY A 167 -21.21 -10.62 5.55
N ARG A 168 -21.26 -9.46 4.91
CA ARG A 168 -21.96 -9.28 3.64
C ARG A 168 -20.90 -9.07 2.58
N ILE A 169 -20.99 -9.83 1.49
CA ILE A 169 -20.02 -9.73 0.40
C ILE A 169 -20.69 -9.26 -0.87
N ASN A 170 -20.08 -8.28 -1.53
CA ASN A 170 -20.65 -7.77 -2.77
C ASN A 170 -20.07 -8.54 -3.96
N TYR A 171 -20.97 -8.97 -4.84
CA TYR A 171 -20.63 -9.75 -6.04
C TYR A 171 -21.01 -9.03 -7.33
N ILE A 172 -20.31 -9.37 -8.41
CA ILE A 172 -20.58 -8.80 -9.74
C ILE A 172 -20.08 -9.79 -10.79
N THR A 173 -20.76 -9.87 -11.95
CA THR A 173 -20.31 -10.79 -13.00
C THR A 173 -19.13 -10.20 -13.77
N ARG A 174 -18.31 -11.07 -14.35
CA ARG A 174 -17.18 -10.60 -15.14
C ARG A 174 -17.72 -9.82 -16.34
N ASN A 175 -18.85 -10.27 -16.88
CA ASN A 175 -19.47 -9.59 -18.02
C ASN A 175 -19.73 -8.12 -17.68
N ASP A 176 -20.27 -7.86 -16.49
CA ASP A 176 -20.57 -6.50 -16.08
C ASP A 176 -19.30 -5.68 -15.83
N ILE A 177 -18.28 -6.30 -15.24
CA ILE A 177 -17.02 -5.58 -15.02
C ILE A 177 -16.53 -5.16 -16.39
N ALA A 178 -16.58 -6.08 -17.35
CA ALA A 178 -16.13 -5.78 -18.70
C ALA A 178 -16.96 -4.66 -19.33
N ARG A 179 -18.27 -4.65 -19.09
CA ARG A 179 -19.11 -3.59 -19.66
C ARG A 179 -18.68 -2.24 -19.11
N GLY A 180 -18.30 -2.22 -17.82
CA GLY A 180 -17.86 -0.98 -17.22
C GLY A 180 -16.54 -0.49 -17.79
N VAL A 181 -15.62 -1.43 -17.99
CA VAL A 181 -14.31 -1.10 -18.51
C VAL A 181 -14.42 -0.61 -19.94
N ILE A 182 -15.27 -1.24 -20.74
CA ILE A 182 -15.44 -0.83 -22.12
C ILE A 182 -16.03 0.59 -22.15
N ALA A 183 -16.98 0.88 -21.25
CA ALA A 183 -17.58 2.20 -21.19
C ALA A 183 -16.52 3.25 -20.87
N ILE A 184 -15.61 2.89 -19.97
CA ILE A 184 -14.53 3.80 -19.59
C ILE A 184 -13.62 4.04 -20.79
N ILE A 185 -13.22 2.97 -21.46
CA ILE A 185 -12.35 3.07 -22.63
C ILE A 185 -12.92 4.02 -23.68
N LYS A 186 -14.21 3.88 -23.96
CA LYS A 186 -14.89 4.70 -24.98
C LYS A 186 -15.17 6.16 -24.61
N ASN A 187 -15.05 6.51 -23.34
CA ASN A 187 -15.31 7.90 -22.92
C ASN A 187 -14.16 8.48 -22.12
N PRO A 188 -13.21 9.15 -22.79
CA PRO A 188 -12.06 9.75 -22.11
C PRO A 188 -12.39 10.72 -20.97
N ASP A 189 -13.62 11.22 -20.93
CA ASP A 189 -13.99 12.15 -19.86
C ASP A 189 -14.11 11.41 -18.53
N THR A 190 -14.00 10.09 -18.56
CA THR A 190 -14.10 9.31 -17.33
C THR A 190 -12.72 8.94 -16.84
N TRP A 191 -11.70 9.23 -17.62
CA TRP A 191 -10.34 8.89 -17.25
C TRP A 191 -9.77 9.73 -16.12
N GLY A 192 -8.86 9.12 -15.37
CA GLY A 192 -8.22 9.82 -14.27
C GLY A 192 -8.99 9.76 -12.97
N LYS A 193 -10.08 8.99 -12.95
CA LYS A 193 -10.89 8.87 -11.75
C LYS A 193 -10.81 7.46 -11.19
N ARG A 194 -11.20 7.32 -9.92
CA ARG A 194 -11.19 6.03 -9.24
C ARG A 194 -12.63 5.52 -9.25
N TYR A 195 -12.80 4.26 -9.66
CA TYR A 195 -14.12 3.64 -9.74
C TYR A 195 -14.23 2.33 -8.99
N LEU A 196 -15.46 1.99 -8.60
CA LEU A 196 -15.74 0.72 -7.94
C LEU A 196 -16.89 0.10 -8.70
N LEU A 197 -16.66 -1.03 -9.34
CA LEU A 197 -17.72 -1.71 -10.08
C LEU A 197 -18.25 -2.81 -9.17
N SER A 198 -19.42 -2.53 -8.58
CA SER A 198 -20.07 -3.46 -7.67
C SER A 198 -21.41 -3.91 -8.22
N GLY A 199 -21.88 -5.06 -7.76
CA GLY A 199 -23.15 -5.58 -8.22
C GLY A 199 -24.15 -5.54 -7.08
N TYR A 200 -24.20 -6.61 -6.31
CA TYR A 200 -25.12 -6.70 -5.17
C TYR A 200 -24.46 -7.40 -4.00
N SER A 201 -24.82 -6.99 -2.79
CA SER A 201 -24.26 -7.59 -1.59
C SER A 201 -25.22 -8.62 -0.99
N TYR A 202 -24.66 -9.73 -0.53
CA TYR A 202 -25.45 -10.79 0.06
C TYR A 202 -24.70 -11.34 1.26
N ASP A 203 -25.39 -11.63 2.36
CA ASP A 203 -24.70 -12.24 3.47
C ASP A 203 -24.74 -13.70 3.04
N MSE A 204 -24.01 -14.58 3.70
CA MSE A 204 -23.97 -15.98 3.28
C MSE A 204 -25.30 -16.70 3.39
O MSE A 204 -25.55 -17.68 2.68
CB MSE A 204 -22.88 -16.72 4.03
CG MSE A 204 -21.50 -16.14 3.79
SE MSE A 204 -20.97 -16.14 1.90
CE MSE A 204 -21.60 -14.36 1.40
N LYS A 205 -26.15 -16.23 4.29
CA LYS A 205 -27.45 -16.84 4.46
C LYS A 205 -28.28 -16.58 3.20
N GLU A 206 -28.28 -15.33 2.74
CA GLU A 206 -29.02 -14.97 1.53
C GLU A 206 -28.42 -15.63 0.29
N LEU A 207 -27.11 -15.81 0.31
CA LEU A 207 -26.43 -16.44 -0.82
C LEU A 207 -26.88 -17.90 -0.95
N ALA A 208 -26.89 -18.61 0.18
CA ALA A 208 -27.29 -20.00 0.19
C ALA A 208 -28.73 -20.17 -0.30
N ALA A 209 -29.58 -19.20 0.03
CA ALA A 209 -30.98 -19.23 -0.39
C ALA A 209 -31.07 -19.05 -1.90
N ILE A 210 -30.23 -18.18 -2.45
CA ILE A 210 -30.22 -17.94 -3.89
C ILE A 210 -29.72 -19.18 -4.63
N LEU A 211 -28.69 -19.82 -4.07
CA LEU A 211 -28.13 -21.01 -4.67
C LEU A 211 -29.10 -22.17 -4.58
N SER A 212 -29.85 -22.23 -3.47
CA SER A 212 -30.81 -23.29 -3.26
C SER A 212 -31.93 -23.28 -4.31
N GLU A 213 -32.55 -22.12 -4.51
CA GLU A 213 -33.63 -22.01 -5.49
C GLU A 213 -33.14 -22.16 -6.92
N ALA A 214 -31.89 -21.79 -7.17
CA ALA A 214 -31.33 -21.91 -8.50
C ALA A 214 -31.07 -23.36 -8.87
N SER A 215 -30.50 -24.11 -7.93
CA SER A 215 -30.18 -25.52 -8.13
C SER A 215 -31.36 -26.42 -7.80
N GLY A 216 -32.38 -25.86 -7.14
CA GLY A 216 -33.53 -26.65 -6.76
C GLY A 216 -33.20 -27.58 -5.61
N THR A 217 -31.97 -27.48 -5.12
CA THR A 217 -31.52 -28.31 -4.01
C THR A 217 -31.43 -27.47 -2.74
N GLU A 218 -31.58 -28.12 -1.59
CA GLU A 218 -31.51 -27.41 -0.32
C GLU A 218 -30.06 -27.22 0.12
N ILE A 219 -29.64 -25.97 0.18
CA ILE A 219 -28.28 -25.62 0.58
C ILE A 219 -28.33 -24.63 1.74
N LYS A 220 -27.77 -25.01 2.88
CA LYS A 220 -27.78 -24.16 4.06
C LYS A 220 -26.38 -23.63 4.39
N TYR A 221 -26.34 -22.44 4.97
CA TYR A 221 -25.06 -21.85 5.35
C TYR A 221 -24.58 -22.48 6.65
N GLU A 222 -23.50 -23.24 6.55
CA GLU A 222 -22.89 -23.91 7.69
C GLU A 222 -21.39 -23.76 7.49
N PRO A 223 -20.86 -22.58 7.85
CA PRO A 223 -19.43 -22.31 7.70
C PRO A 223 -18.51 -23.22 8.49
N VAL A 224 -17.41 -23.61 7.85
CA VAL A 224 -16.40 -24.44 8.49
C VAL A 224 -15.32 -23.48 8.96
N SER A 225 -14.33 -24.00 9.69
CA SER A 225 -13.25 -23.18 10.21
C SER A 225 -12.35 -22.69 9.08
N LEU A 226 -11.57 -21.66 9.36
CA LEU A 226 -10.65 -21.13 8.37
C LEU A 226 -9.63 -22.19 7.99
N GLU A 227 -9.16 -22.94 8.99
CA GLU A 227 -8.17 -23.98 8.76
C GLU A 227 -8.75 -25.12 7.93
N THR A 228 -9.95 -25.56 8.28
CA THR A 228 -10.62 -26.64 7.56
C THR A 228 -10.86 -26.24 6.11
N PHE A 229 -11.28 -25.00 5.90
CA PHE A 229 -11.54 -24.51 4.55
C PHE A 229 -10.26 -24.53 3.73
N ALA A 230 -9.20 -23.97 4.27
CA ALA A 230 -7.91 -23.92 3.59
C ALA A 230 -7.37 -25.32 3.29
N GLU A 231 -7.46 -26.19 4.28
CA GLU A 231 -6.96 -27.56 4.12
C GLU A 231 -7.70 -28.39 3.08
N MSE A 232 -9.01 -28.21 2.97
CA MSE A 232 -9.77 -28.99 2.00
C MSE A 232 -9.75 -28.40 0.59
O MSE A 232 -10.22 -29.04 -0.36
CB MSE A 232 -11.22 -29.16 2.47
CG MSE A 232 -12.04 -27.88 2.51
SE MSE A 232 -13.73 -28.16 3.40
CE MSE A 232 -14.69 -29.02 1.94
N TYR A 233 -9.20 -27.20 0.46
CA TYR A 233 -9.12 -26.55 -0.85
C TYR A 233 -7.71 -26.07 -1.16
N ASP A 234 -6.72 -26.65 -0.49
CA ASP A 234 -5.34 -26.26 -0.70
C ASP A 234 -4.81 -26.86 -2.00
N GLU A 235 -5.12 -26.21 -3.12
CA GLU A 235 -4.68 -26.69 -4.42
C GLU A 235 -4.74 -25.56 -5.46
N PRO A 236 -3.58 -25.09 -5.94
CA PRO A 236 -2.24 -25.55 -5.57
C PRO A 236 -1.85 -25.21 -4.14
N LYS A 237 -0.66 -25.62 -3.73
CA LYS A 237 -0.15 -25.37 -2.39
C LYS A 237 -0.14 -23.89 -2.05
N GLY A 238 -0.66 -23.55 -0.87
CA GLY A 238 -0.71 -22.16 -0.45
C GLY A 238 -1.99 -21.47 -0.85
N PHE A 239 -2.69 -22.03 -1.83
CA PHE A 239 -3.94 -21.44 -2.31
C PHE A 239 -5.02 -21.53 -1.24
N GLY A 240 -5.00 -22.61 -0.47
CA GLY A 240 -6.00 -22.80 0.57
C GLY A 240 -6.08 -21.65 1.56
N ALA A 241 -4.94 -21.26 2.12
CA ALA A 241 -4.91 -20.16 3.08
C ALA A 241 -5.33 -18.86 2.44
N LEU A 242 -4.98 -18.68 1.17
CA LEU A 242 -5.33 -17.47 0.44
C LEU A 242 -6.84 -17.35 0.22
N LEU A 243 -7.46 -18.43 -0.22
CA LEU A 243 -8.91 -18.39 -0.44
C LEU A 243 -9.62 -18.16 0.88
N ALA A 244 -9.15 -18.84 1.93
CA ALA A 244 -9.75 -18.67 3.25
C ALA A 244 -9.65 -17.22 3.70
N SER A 245 -8.50 -16.60 3.46
CA SER A 245 -8.29 -15.21 3.87
C SER A 245 -9.28 -14.28 3.18
N MSE A 246 -9.71 -14.64 1.99
CA MSE A 246 -10.65 -13.81 1.26
C MSE A 246 -11.99 -13.75 2.00
O MSE A 246 -12.55 -12.68 2.20
CB MSE A 246 -10.85 -14.34 -0.16
CG MSE A 246 -11.51 -13.33 -1.10
SE MSE A 246 -11.55 -14.03 -2.90
CE MSE A 246 -12.90 -15.39 -2.63
N TYR A 247 -12.48 -14.91 2.43
CA TYR A 247 -13.75 -14.95 3.15
C TYR A 247 -13.58 -14.39 4.56
N HIS A 248 -12.36 -14.49 5.09
CA HIS A 248 -12.07 -13.95 6.41
C HIS A 248 -12.26 -12.43 6.31
N ALA A 249 -11.83 -11.84 5.20
CA ALA A 249 -11.99 -10.40 5.01
C ALA A 249 -13.48 -10.08 4.99
N GLY A 250 -14.28 -10.98 4.42
CA GLY A 250 -15.72 -10.78 4.37
C GLY A 250 -16.34 -10.83 5.75
N ALA A 251 -15.82 -11.70 6.60
CA ALA A 251 -16.33 -11.85 7.96
C ALA A 251 -16.09 -10.56 8.74
N ARG A 252 -15.02 -9.85 8.38
CA ARG A 252 -14.71 -8.60 9.06
C ARG A 252 -15.51 -7.45 8.45
N GLY A 253 -16.37 -7.77 7.50
CA GLY A 253 -17.21 -6.76 6.86
C GLY A 253 -16.49 -5.84 5.89
N LEU A 254 -15.32 -6.26 5.41
CA LEU A 254 -14.53 -5.44 4.50
C LEU A 254 -14.89 -5.62 3.03
N LEU A 255 -15.83 -6.52 2.75
CA LEU A 255 -16.24 -6.77 1.37
C LEU A 255 -17.65 -6.28 1.07
N ASP A 256 -18.25 -5.55 2.01
CA ASP A 256 -19.58 -5.02 1.78
C ASP A 256 -19.41 -3.61 1.25
N GLN A 257 -18.93 -3.53 0.01
CA GLN A 257 -18.69 -2.26 -0.65
C GLN A 257 -19.61 -2.07 -1.84
N GLU A 258 -20.20 -0.89 -1.96
CA GLU A 258 -21.11 -0.62 -3.07
C GLU A 258 -20.96 0.80 -3.63
N SER A 259 -21.31 0.96 -4.89
CA SER A 259 -21.28 2.26 -5.54
C SER A 259 -22.23 2.17 -6.71
N ASN A 260 -22.56 3.31 -7.29
CA ASN A 260 -23.45 3.29 -8.44
C ASN A 260 -22.64 3.63 -9.68
N ASP A 261 -21.33 3.36 -9.64
CA ASP A 261 -20.47 3.64 -10.78
C ASP A 261 -20.88 2.86 -12.02
N PHE A 262 -21.31 1.62 -11.85
CA PHE A 262 -21.72 0.82 -12.99
C PHE A 262 -22.85 1.54 -13.73
N LYS A 263 -23.89 1.92 -12.99
CA LYS A 263 -25.04 2.59 -13.59
C LYS A 263 -24.66 3.90 -14.24
N GLN A 264 -23.76 4.67 -13.63
CA GLN A 264 -23.35 5.94 -14.21
C GLN A 264 -22.52 5.77 -15.47
N LEU A 265 -21.79 4.67 -15.57
CA LEU A 265 -20.93 4.40 -16.73
C LEU A 265 -21.61 3.66 -17.86
N VAL A 266 -22.42 2.66 -17.51
CA VAL A 266 -23.12 1.83 -18.47
C VAL A 266 -24.58 2.22 -18.66
N ASN A 267 -25.10 3.06 -17.77
CA ASN A 267 -26.48 3.50 -17.84
C ASN A 267 -27.42 2.30 -17.75
N ASP A 268 -27.14 1.41 -16.81
CA ASP A 268 -27.96 0.22 -16.61
C ASP A 268 -27.62 -0.38 -15.26
N GLN A 269 -28.49 -1.24 -14.74
CA GLN A 269 -28.25 -1.88 -13.45
C GLN A 269 -27.49 -3.18 -13.65
N PRO A 270 -26.60 -3.51 -12.71
CA PRO A 270 -25.84 -4.76 -12.84
C PRO A 270 -26.75 -5.98 -12.77
N GLN A 271 -26.34 -7.07 -13.40
CA GLN A 271 -27.12 -8.29 -13.40
C GLN A 271 -27.10 -8.94 -12.02
N THR A 272 -28.28 -9.32 -11.54
CA THR A 272 -28.40 -9.95 -10.23
C THR A 272 -27.90 -11.39 -10.27
N LEU A 273 -27.61 -11.95 -9.10
CA LEU A 273 -27.13 -13.32 -9.04
C LEU A 273 -28.21 -14.31 -9.50
N GLN A 274 -29.46 -14.01 -9.18
CA GLN A 274 -30.57 -14.88 -9.59
C GLN A 274 -30.65 -14.94 -11.11
N SER A 275 -30.52 -13.78 -11.75
CA SER A 275 -30.57 -13.71 -13.20
C SER A 275 -29.39 -14.46 -13.81
N PHE A 276 -28.21 -14.27 -13.22
CA PHE A 276 -27.00 -14.92 -13.70
C PHE A 276 -27.10 -16.45 -13.67
N LEU A 277 -27.48 -16.98 -12.50
CA LEU A 277 -27.61 -18.42 -12.34
C LEU A 277 -28.71 -19.01 -13.22
N GLN A 278 -29.79 -18.24 -13.38
CA GLN A 278 -30.92 -18.68 -14.20
C GLN A 278 -30.51 -18.69 -15.67
N GLU A 279 -29.57 -17.83 -16.02
CA GLU A 279 -29.08 -17.73 -17.39
C GLU A 279 -28.30 -18.97 -17.79
N MSE B 1 8.88 -10.50 29.33
CA MSE B 1 8.51 -10.10 27.94
C MSE B 1 9.72 -9.47 27.27
O MSE B 1 10.10 -8.34 27.58
CB MSE B 1 7.34 -9.12 27.99
CG MSE B 1 6.56 -9.01 26.69
SE MSE B 1 7.41 -7.90 25.35
CE MSE B 1 6.69 -6.19 25.94
N ASN B 2 10.31 -10.20 26.33
CA ASN B 2 11.48 -9.72 25.63
C ASN B 2 11.12 -8.82 24.45
N ILE B 3 11.65 -7.60 24.51
CA ILE B 3 11.41 -6.59 23.49
C ILE B 3 12.65 -6.39 22.65
N MSE B 4 12.45 -6.28 21.34
CA MSE B 4 13.55 -6.07 20.39
C MSE B 4 13.26 -4.86 19.51
O MSE B 4 12.22 -4.79 18.87
CB MSE B 4 13.70 -7.32 19.52
CG MSE B 4 14.29 -7.06 18.15
SE MSE B 4 16.18 -6.66 18.21
CE MSE B 4 16.77 -8.35 18.90
N LEU B 5 14.19 -3.90 19.52
CA LEU B 5 14.06 -2.71 18.69
C LEU B 5 15.07 -2.82 17.54
N THR B 6 14.59 -2.86 16.30
CA THR B 6 15.53 -2.95 15.17
C THR B 6 15.90 -1.56 14.69
N GLY B 7 17.10 -1.42 14.11
CA GLY B 7 17.56 -0.14 13.63
C GLY B 7 17.75 0.86 14.75
N ALA B 8 18.11 0.35 15.93
CA ALA B 8 18.30 1.15 17.13
C ALA B 8 19.36 2.26 17.07
N THR B 9 20.35 2.14 16.19
CA THR B 9 21.39 3.15 16.11
C THR B 9 21.06 4.28 15.14
N GLY B 10 19.90 4.19 14.49
CA GLY B 10 19.49 5.24 13.57
C GLY B 10 19.05 6.47 14.34
N HIS B 11 18.70 7.54 13.64
CA HIS B 11 18.29 8.76 14.32
C HIS B 11 17.11 8.53 15.25
N LEU B 12 16.02 7.98 14.73
CA LEU B 12 14.86 7.72 15.57
C LEU B 12 15.15 6.61 16.58
N GLY B 13 15.82 5.56 16.15
CA GLY B 13 16.13 4.45 17.05
C GLY B 13 16.93 4.86 18.27
N THR B 14 17.83 5.82 18.10
CA THR B 14 18.65 6.29 19.21
C THR B 14 17.77 6.96 20.26
N HIS B 15 16.81 7.76 19.80
CA HIS B 15 15.87 8.42 20.70
C HIS B 15 15.10 7.39 21.50
N ILE B 16 14.53 6.40 20.80
CA ILE B 16 13.76 5.36 21.45
C ILE B 16 14.59 4.55 22.45
N THR B 17 15.81 4.20 22.07
CA THR B 17 16.67 3.41 22.94
C THR B 17 17.07 4.19 24.20
N ASN B 18 17.47 5.45 24.04
CA ASN B 18 17.85 6.23 25.21
C ASN B 18 16.65 6.43 26.14
N GLN B 19 15.47 6.63 25.55
CA GLN B 19 14.28 6.81 26.36
C GLN B 19 13.92 5.51 27.07
N ALA B 20 14.15 4.37 26.41
CA ALA B 20 13.83 3.08 27.02
C ALA B 20 14.77 2.87 28.21
N ILE B 21 16.02 3.30 28.06
CA ILE B 21 16.99 3.17 29.14
C ILE B 21 16.57 4.08 30.30
N ALA B 22 16.15 5.30 29.98
CA ALA B 22 15.73 6.25 31.01
C ALA B 22 14.49 5.77 31.76
N ASN B 23 13.62 5.03 31.06
CA ASN B 23 12.40 4.49 31.67
C ASN B 23 12.62 3.14 32.30
N HIS B 24 13.87 2.70 32.33
CA HIS B 24 14.24 1.41 32.92
C HIS B 24 13.44 0.24 32.36
N ILE B 25 13.28 0.18 31.05
CA ILE B 25 12.54 -0.91 30.43
C ILE B 25 13.47 -2.14 30.40
N ASP B 26 13.07 -3.19 31.09
CA ASP B 26 13.90 -4.39 31.14
C ASP B 26 13.61 -5.33 29.97
N HIS B 27 14.52 -6.28 29.76
CA HIS B 27 14.39 -7.26 28.68
C HIS B 27 14.45 -6.57 27.33
N PHE B 28 15.17 -5.45 27.27
CA PHE B 28 15.28 -4.67 26.05
C PHE B 28 16.49 -5.08 25.21
N HIS B 29 16.22 -5.46 23.96
CA HIS B 29 17.26 -5.89 23.05
C HIS B 29 17.23 -4.99 21.82
N ILE B 30 18.37 -4.88 21.15
CA ILE B 30 18.43 -4.09 19.94
C ILE B 30 19.06 -4.92 18.83
N GLY B 31 18.62 -4.66 17.59
CA GLY B 31 19.15 -5.37 16.44
C GLY B 31 19.75 -4.35 15.50
N VAL B 32 21.07 -4.39 15.34
CA VAL B 32 21.77 -3.45 14.48
C VAL B 32 22.67 -4.11 13.44
N ARG B 33 22.94 -3.41 12.35
CA ARG B 33 23.79 -3.93 11.30
C ARG B 33 25.26 -3.88 11.71
N ASN B 34 25.64 -2.80 12.39
CA ASN B 34 27.02 -2.63 12.85
C ASN B 34 27.06 -2.41 14.36
N VAL B 35 27.40 -3.47 15.09
CA VAL B 35 27.46 -3.41 16.55
C VAL B 35 28.52 -2.41 17.03
N GLU B 36 29.50 -2.11 16.18
CA GLU B 36 30.56 -1.17 16.54
C GLU B 36 30.06 0.26 16.61
N LYS B 37 28.82 0.49 16.20
CA LYS B 37 28.25 1.84 16.22
C LYS B 37 27.36 2.03 17.44
N VAL B 38 27.38 1.07 18.36
CA VAL B 38 26.57 1.14 19.57
C VAL B 38 27.27 1.97 20.65
N PRO B 39 26.56 2.98 21.19
CA PRO B 39 27.14 3.84 22.24
C PRO B 39 27.62 3.02 23.42
N ASP B 40 28.79 3.38 23.95
CA ASP B 40 29.34 2.66 25.09
C ASP B 40 28.45 2.68 26.31
N ASP B 41 27.67 3.76 26.47
CA ASP B 41 26.77 3.87 27.61
C ASP B 41 25.66 2.83 27.58
N TRP B 42 25.37 2.31 26.38
CA TRP B 42 24.32 1.31 26.23
C TRP B 42 24.75 -0.06 26.73
N ARG B 43 26.07 -0.26 26.89
CA ARG B 43 26.58 -1.53 27.35
C ARG B 43 26.06 -1.86 28.76
N GLY B 44 25.49 -3.05 28.89
CA GLY B 44 24.93 -3.47 30.17
C GLY B 44 23.52 -2.99 30.40
N LYS B 45 22.99 -2.20 29.48
CA LYS B 45 21.63 -1.68 29.62
C LYS B 45 20.65 -2.30 28.63
N VAL B 46 21.18 -2.75 27.49
CA VAL B 46 20.39 -3.40 26.47
C VAL B 46 21.24 -4.50 25.87
N SER B 47 20.61 -5.57 25.39
CA SER B 47 21.34 -6.67 24.78
C SER B 47 21.42 -6.37 23.29
N VAL B 48 22.61 -6.54 22.74
CA VAL B 48 22.87 -6.25 21.33
C VAL B 48 23.03 -7.47 20.44
N ARG B 49 22.29 -7.48 19.34
CA ARG B 49 22.37 -8.55 18.36
C ARG B 49 22.60 -7.91 16.99
N GLN B 50 23.34 -8.61 16.14
CA GLN B 50 23.63 -8.09 14.80
C GLN B 50 22.51 -8.57 13.88
N LEU B 51 22.07 -7.69 12.99
CA LEU B 51 20.97 -8.00 12.09
C LEU B 51 21.14 -7.30 10.73
N ASP B 52 20.69 -7.98 9.68
CA ASP B 52 20.73 -7.45 8.32
C ASP B 52 19.31 -7.63 7.80
N TYR B 53 18.58 -6.51 7.64
CA TYR B 53 17.20 -6.55 7.17
C TYR B 53 16.99 -7.35 5.89
N PHE B 54 17.98 -7.37 5.02
CA PHE B 54 17.84 -8.04 3.75
C PHE B 54 18.41 -9.45 3.70
N ASN B 55 18.57 -10.05 4.87
CA ASN B 55 19.05 -11.41 4.96
C ASN B 55 18.04 -12.09 5.87
N GLN B 56 17.16 -12.89 5.26
CA GLN B 56 16.11 -13.56 6.01
C GLN B 56 16.58 -14.31 7.24
N GLU B 57 17.60 -15.14 7.10
CA GLU B 57 18.09 -15.90 8.23
C GLU B 57 18.68 -15.03 9.33
N SER B 58 19.19 -13.86 8.97
CA SER B 58 19.73 -12.93 9.95
C SER B 58 18.57 -12.45 10.82
N MSE B 59 17.43 -12.17 10.18
CA MSE B 59 16.25 -11.71 10.92
C MSE B 59 15.70 -12.84 11.78
O MSE B 59 15.34 -12.64 12.94
CB MSE B 59 15.16 -11.20 9.95
CG MSE B 59 15.37 -9.77 9.46
SE MSE B 59 14.35 -8.41 10.47
CE MSE B 59 13.28 -7.73 9.00
N VAL B 60 15.62 -14.04 11.21
CA VAL B 60 15.14 -15.20 11.96
C VAL B 60 15.97 -15.40 13.23
N GLU B 61 17.29 -15.39 13.08
CA GLU B 61 18.18 -15.57 14.22
C GLU B 61 18.00 -14.50 15.28
N ALA B 62 17.95 -13.24 14.85
CA ALA B 62 17.80 -12.12 15.77
C ALA B 62 16.50 -12.16 16.56
N PHE B 63 15.46 -12.73 15.97
CA PHE B 63 14.13 -12.79 16.61
C PHE B 63 13.94 -13.97 17.56
N LYS B 64 14.87 -14.92 17.57
CA LYS B 64 14.74 -16.06 18.46
C LYS B 64 14.64 -15.59 19.91
N GLY B 65 13.63 -16.06 20.63
CA GLY B 65 13.47 -15.66 22.01
C GLY B 65 12.80 -14.31 22.25
N MSE B 66 12.47 -13.58 21.19
CA MSE B 66 11.82 -12.28 21.35
C MSE B 66 10.30 -12.41 21.36
O MSE B 66 9.74 -13.28 20.71
CB MSE B 66 12.25 -11.33 20.23
CG MSE B 66 13.75 -11.11 20.15
SE MSE B 66 14.41 -10.16 21.72
CE MSE B 66 15.07 -11.64 22.64
N ASP B 67 9.65 -11.50 22.07
CA ASP B 67 8.20 -11.51 22.18
C ASP B 67 7.55 -10.36 21.44
N THR B 68 8.21 -9.21 21.47
CA THR B 68 7.70 -8.03 20.81
C THR B 68 8.84 -7.39 20.02
N VAL B 69 8.59 -7.16 18.74
CA VAL B 69 9.56 -6.53 17.86
C VAL B 69 9.04 -5.16 17.45
N VAL B 70 9.87 -4.13 17.67
CA VAL B 70 9.54 -2.77 17.30
C VAL B 70 10.43 -2.57 16.09
N PHE B 71 9.80 -2.48 14.91
CA PHE B 71 10.50 -2.36 13.63
C PHE B 71 10.55 -0.96 13.06
N ILE B 72 11.77 -0.50 12.80
CA ILE B 72 11.99 0.80 12.19
C ILE B 72 12.47 0.54 10.76
N PRO B 73 11.66 0.93 9.76
CA PRO B 73 12.04 0.71 8.35
C PRO B 73 13.37 1.38 7.99
N SER B 74 14.05 0.85 6.99
CA SER B 74 15.31 1.41 6.52
C SER B 74 14.99 2.57 5.58
N ILE B 75 16.03 3.18 5.01
CA ILE B 75 15.83 4.29 4.07
C ILE B 75 16.08 3.86 2.63
N ILE B 76 16.20 2.55 2.41
CA ILE B 76 16.43 2.02 1.07
C ILE B 76 15.31 2.43 0.11
N HIS B 77 15.68 2.76 -1.13
CA HIS B 77 14.69 3.15 -2.14
C HIS B 77 15.10 2.56 -3.49
N PRO B 78 14.12 2.42 -4.41
CA PRO B 78 12.71 2.77 -4.29
C PRO B 78 11.95 1.69 -3.52
N SER B 79 10.61 1.73 -3.58
CA SER B 79 9.79 0.77 -2.86
C SER B 79 10.10 -0.70 -3.15
N PHE B 80 10.31 -1.05 -4.41
CA PHE B 80 10.59 -2.44 -4.77
C PHE B 80 11.81 -3.00 -4.05
N LYS B 81 12.82 -2.15 -3.85
CA LYS B 81 14.04 -2.58 -3.20
C LYS B 81 13.89 -2.70 -1.68
N ARG B 82 12.95 -1.96 -1.09
CA ARG B 82 12.77 -2.02 0.36
C ARG B 82 11.80 -3.13 0.80
N ILE B 83 10.85 -3.48 -0.05
CA ILE B 83 9.86 -4.51 0.25
C ILE B 83 10.36 -5.78 0.97
N PRO B 84 11.49 -6.35 0.51
CA PRO B 84 12.00 -7.56 1.16
C PRO B 84 12.12 -7.42 2.67
N GLU B 85 12.32 -6.18 3.11
CA GLU B 85 12.43 -5.81 4.51
C GLU B 85 11.26 -6.32 5.33
N VAL B 86 10.06 -5.96 4.89
CA VAL B 86 8.84 -6.35 5.59
C VAL B 86 8.54 -7.83 5.40
N GLU B 87 8.91 -8.36 4.24
CA GLU B 87 8.68 -9.79 4.00
C GLU B 87 9.51 -10.54 5.03
N ASN B 88 10.76 -10.11 5.23
CA ASN B 88 11.62 -10.79 6.19
C ASN B 88 11.12 -10.61 7.61
N LEU B 89 10.60 -9.43 7.91
CA LEU B 89 10.07 -9.15 9.24
C LEU B 89 8.99 -10.19 9.59
N VAL B 90 8.01 -10.33 8.70
CA VAL B 90 6.91 -11.27 8.92
C VAL B 90 7.38 -12.72 8.95
N TYR B 91 8.26 -13.09 8.02
CA TYR B 91 8.75 -14.47 7.97
C TYR B 91 9.49 -14.85 9.24
N ALA B 92 10.37 -13.96 9.68
CA ALA B 92 11.15 -14.22 10.89
C ALA B 92 10.28 -14.21 12.14
N ALA B 93 9.29 -13.32 12.19
CA ALA B 93 8.42 -13.27 13.35
C ALA B 93 7.69 -14.61 13.51
N LYS B 94 7.24 -15.17 12.39
CA LYS B 94 6.53 -16.45 12.44
C LYS B 94 7.47 -17.60 12.80
N GLN B 95 8.60 -17.66 12.11
CA GLN B 95 9.59 -18.70 12.31
C GLN B 95 10.10 -18.77 13.75
N SER B 96 10.43 -17.60 14.31
CA SER B 96 10.97 -17.56 15.65
C SER B 96 9.98 -17.34 16.80
N GLY B 97 8.70 -17.27 16.45
CA GLY B 97 7.66 -17.13 17.47
C GLY B 97 7.43 -15.78 18.13
N VAL B 98 7.65 -14.70 17.40
CA VAL B 98 7.42 -13.36 17.93
C VAL B 98 5.90 -13.18 17.96
N ALA B 99 5.38 -12.77 19.13
CA ALA B 99 3.94 -12.61 19.32
C ALA B 99 3.34 -11.27 18.93
N HIS B 100 4.16 -10.24 18.87
CA HIS B 100 3.63 -8.93 18.52
C HIS B 100 4.66 -8.07 17.80
N ILE B 101 4.18 -7.30 16.82
CA ILE B 101 5.05 -6.42 16.07
C ILE B 101 4.53 -4.99 16.13
N ILE B 102 5.39 -4.05 16.51
CA ILE B 102 5.03 -2.65 16.54
C ILE B 102 5.78 -2.09 15.34
N PHE B 103 5.04 -1.69 14.31
CA PHE B 103 5.65 -1.18 13.07
C PHE B 103 5.60 0.34 13.00
N ILE B 104 6.75 0.96 12.81
CA ILE B 104 6.83 2.42 12.72
C ILE B 104 6.78 2.88 11.26
N GLY B 105 5.61 3.27 10.79
CA GLY B 105 5.46 3.70 9.41
C GLY B 105 5.31 5.20 9.23
N TYR B 106 5.47 5.66 8.00
CA TYR B 106 5.36 7.08 7.67
C TYR B 106 3.93 7.40 7.22
N TYR B 107 3.45 8.60 7.54
CA TYR B 107 2.07 8.98 7.20
C TYR B 107 1.76 9.27 5.72
N ALA B 108 2.77 9.29 4.86
CA ALA B 108 2.54 9.55 3.43
C ALA B 108 2.29 8.19 2.78
N ASP B 109 1.12 7.62 3.10
CA ASP B 109 0.80 6.29 2.63
C ASP B 109 -0.60 6.06 2.05
N GLN B 110 -1.31 7.11 1.67
CA GLN B 110 -2.65 6.94 1.11
C GLN B 110 -2.57 6.31 -0.27
N HIS B 111 -3.69 5.73 -0.72
CA HIS B 111 -3.72 5.07 -2.03
C HIS B 111 -3.32 5.98 -3.18
N ASN B 112 -3.51 7.28 -3.00
CA ASN B 112 -3.18 8.26 -4.04
C ASN B 112 -2.05 9.21 -3.63
N ASN B 113 -1.19 8.77 -2.71
CA ASN B 113 -0.08 9.61 -2.29
C ASN B 113 1.08 9.40 -3.25
N PRO B 114 1.55 10.49 -3.90
CA PRO B 114 2.65 10.49 -4.87
C PRO B 114 4.05 10.27 -4.30
N PHE B 115 4.18 10.28 -2.98
CA PHE B 115 5.48 10.07 -2.35
C PHE B 115 6.02 8.73 -2.84
N HIS B 116 7.26 8.73 -3.31
CA HIS B 116 7.90 7.53 -3.85
C HIS B 116 7.87 6.31 -2.96
N MSE B 117 7.85 6.50 -1.64
CA MSE B 117 7.83 5.34 -0.76
C MSE B 117 6.43 4.94 -0.32
O MSE B 117 6.28 4.03 0.49
CB MSE B 117 8.71 5.59 0.47
CG MSE B 117 10.17 5.92 0.16
SE MSE B 117 11.04 4.67 -1.05
CE MSE B 117 10.66 3.04 -0.06
N SER B 118 5.39 5.59 -0.84
CA SER B 118 4.04 5.21 -0.43
C SER B 118 3.74 3.72 -0.72
N PRO B 119 4.21 3.19 -1.85
CA PRO B 119 3.93 1.77 -2.13
C PRO B 119 4.45 0.86 -1.02
N TYR B 120 5.63 1.16 -0.52
CA TYR B 120 6.23 0.36 0.54
C TYR B 120 5.37 0.37 1.80
N PHE B 121 4.93 1.55 2.22
CA PHE B 121 4.13 1.65 3.43
C PHE B 121 2.74 1.05 3.26
N GLY B 122 2.15 1.20 2.08
CA GLY B 122 0.85 0.60 1.86
C GLY B 122 1.00 -0.91 1.91
N TYR B 123 2.07 -1.41 1.29
CA TYR B 123 2.33 -2.85 1.26
C TYR B 123 2.59 -3.42 2.65
N ALA B 124 3.40 -2.70 3.44
CA ALA B 124 3.75 -3.13 4.79
C ALA B 124 2.53 -3.31 5.68
N SER B 125 1.66 -2.30 5.71
CA SER B 125 0.45 -2.34 6.53
C SER B 125 -0.39 -3.57 6.17
N ARG B 126 -0.62 -3.75 4.87
CA ARG B 126 -1.42 -4.87 4.41
C ARG B 126 -0.75 -6.22 4.68
N LEU B 127 0.56 -6.31 4.48
CA LEU B 127 1.24 -7.57 4.73
C LEU B 127 1.09 -7.96 6.20
N LEU B 128 1.19 -6.98 7.10
CA LEU B 128 1.02 -7.29 8.51
C LEU B 128 -0.38 -7.82 8.75
N SER B 129 -1.36 -7.21 8.09
CA SER B 129 -2.75 -7.65 8.23
C SER B 129 -2.91 -9.11 7.75
N THR B 130 -2.27 -9.47 6.64
CA THR B 130 -2.40 -10.83 6.12
C THR B 130 -1.62 -11.89 6.90
N SER B 131 -0.62 -11.45 7.66
CA SER B 131 0.24 -12.36 8.43
C SER B 131 -0.43 -13.13 9.57
N GLY B 132 -1.44 -12.54 10.18
CA GLY B 132 -2.10 -13.21 11.30
C GLY B 132 -1.38 -12.96 12.61
N ILE B 133 -0.30 -12.19 12.56
CA ILE B 133 0.47 -11.86 13.75
C ILE B 133 -0.12 -10.59 14.36
N ASP B 134 -0.23 -10.55 15.69
CA ASP B 134 -0.77 -9.36 16.34
C ASP B 134 0.19 -8.21 16.06
N TYR B 135 -0.35 -7.03 15.77
CA TYR B 135 0.52 -5.90 15.48
C TYR B 135 -0.12 -4.55 15.81
N THR B 136 0.73 -3.55 15.96
CA THR B 136 0.33 -2.19 16.26
C THR B 136 1.01 -1.36 15.19
N TYR B 137 0.23 -0.67 14.38
CA TYR B 137 0.78 0.14 13.30
C TYR B 137 0.81 1.61 13.72
N VAL B 138 2.02 2.14 13.87
CA VAL B 138 2.21 3.52 14.29
C VAL B 138 2.65 4.38 13.12
N ARG B 139 1.83 5.34 12.72
CA ARG B 139 2.21 6.20 11.62
C ARG B 139 2.75 7.52 12.18
N MSE B 140 3.85 8.01 11.62
CA MSE B 140 4.42 9.25 12.11
C MSE B 140 4.38 10.37 11.07
O MSE B 140 4.40 10.11 9.86
CB MSE B 140 5.88 9.01 12.54
CG MSE B 140 6.83 8.66 11.42
SE MSE B 140 8.59 8.11 12.04
CE MSE B 140 8.88 6.68 10.78
N ALA B 141 4.30 11.60 11.55
CA ALA B 141 4.28 12.77 10.68
C ALA B 141 5.73 13.08 10.29
N MSE B 142 5.95 14.21 9.61
CA MSE B 142 7.29 14.59 9.14
C MSE B 142 8.24 15.12 10.22
O MSE B 142 7.87 15.99 11.00
CB MSE B 142 7.17 15.62 8.01
CG MSE B 142 8.47 15.88 7.26
SE MSE B 142 8.28 17.21 5.85
CE MSE B 142 7.12 16.23 4.64
N TYR B 143 9.47 14.60 10.26
CA TYR B 143 10.44 15.04 11.26
C TYR B 143 10.74 16.54 11.19
N MSE B 144 10.78 17.19 12.36
CA MSE B 144 11.12 18.62 12.42
C MSE B 144 12.64 18.74 12.42
O MSE B 144 13.19 19.71 11.91
CB MSE B 144 10.63 19.24 13.73
CG MSE B 144 9.18 19.65 13.77
SE MSE B 144 8.75 20.37 15.51
CE MSE B 144 6.84 20.46 15.28
N ASP B 145 13.30 17.75 13.01
CA ASP B 145 14.74 17.75 13.17
C ASP B 145 15.60 18.22 12.00
N PRO B 146 15.36 17.71 10.78
CA PRO B 146 16.13 18.11 9.60
C PRO B 146 16.18 19.62 9.35
N LEU B 147 15.19 20.35 9.85
CA LEU B 147 15.15 21.78 9.64
C LEU B 147 16.32 22.53 10.28
N LYS B 148 16.85 22.02 11.39
CA LYS B 148 17.97 22.70 12.04
C LYS B 148 19.23 22.77 11.17
N PRO B 149 19.73 21.62 10.70
CA PRO B 149 20.96 21.64 9.87
C PRO B 149 20.74 22.30 8.51
N TYR B 150 19.47 22.45 8.13
CA TYR B 150 19.13 23.05 6.84
C TYR B 150 19.06 24.57 6.88
N LEU B 151 18.82 25.12 8.07
CA LEU B 151 18.73 26.56 8.24
C LEU B 151 19.84 27.34 7.53
N PRO B 152 21.10 26.92 7.70
CA PRO B 152 22.21 27.62 7.05
C PRO B 152 21.96 27.89 5.56
N GLU B 153 21.50 26.88 4.84
CA GLU B 153 21.23 27.03 3.42
C GLU B 153 20.04 27.95 3.18
N LEU B 154 18.99 27.78 3.99
CA LEU B 154 17.80 28.60 3.86
C LEU B 154 18.13 30.06 4.09
N MSE B 155 19.00 30.33 5.06
CA MSE B 155 19.39 31.69 5.36
C MSE B 155 20.16 32.29 4.20
O MSE B 155 20.01 33.48 3.89
CB MSE B 155 20.25 31.70 6.62
CG MSE B 155 19.54 31.12 7.84
SE MSE B 155 20.56 31.27 9.44
CE MSE B 155 21.20 29.47 9.60
N ASN B 156 20.98 31.48 3.55
CA ASN B 156 21.76 31.92 2.40
C ASN B 156 20.86 32.36 1.25
N MSE B 157 19.89 31.52 0.91
CA MSE B 157 18.95 31.84 -0.18
C MSE B 157 17.92 32.86 0.26
O MSE B 157 17.32 33.55 -0.58
CB MSE B 157 18.22 30.58 -0.65
CG MSE B 157 19.12 29.44 -1.08
SE MSE B 157 18.05 27.95 -1.72
CE MSE B 157 17.63 27.14 -0.01
N HIS B 158 17.70 32.94 1.56
CA HIS B 158 16.70 33.84 2.14
C HIS B 158 15.33 33.40 1.63
N LYS B 159 15.21 32.12 1.28
CA LYS B 159 13.97 31.60 0.76
C LYS B 159 13.75 30.13 1.10
N LEU B 160 12.49 29.77 1.32
CA LEU B 160 12.09 28.39 1.60
C LEU B 160 11.60 27.94 0.22
N ILE B 161 12.23 26.91 -0.34
CA ILE B 161 11.89 26.46 -1.68
C ILE B 161 11.10 25.15 -1.84
N TYR B 162 10.66 24.56 -0.74
CA TYR B 162 9.90 23.31 -0.83
C TYR B 162 8.72 23.46 -1.81
N PRO B 163 8.65 22.59 -2.82
CA PRO B 163 7.57 22.65 -3.81
C PRO B 163 6.31 22.02 -3.24
N ALA B 164 5.76 22.66 -2.21
CA ALA B 164 4.57 22.16 -1.54
C ALA B 164 3.32 23.01 -1.80
N GLY B 165 3.41 23.93 -2.77
CA GLY B 165 2.28 24.78 -3.07
C GLY B 165 1.75 25.48 -1.84
N ASP B 166 0.42 25.53 -1.71
CA ASP B 166 -0.20 26.18 -0.56
C ASP B 166 -0.65 25.14 0.47
N GLY B 167 -0.07 23.95 0.38
CA GLY B 167 -0.43 22.87 1.28
C GLY B 167 0.11 23.03 2.69
N ARG B 168 -0.53 22.34 3.63
CA ARG B 168 -0.12 22.36 5.03
C ARG B 168 0.48 20.99 5.33
N ILE B 169 1.66 20.98 5.94
CA ILE B 169 2.34 19.74 6.27
C ILE B 169 2.46 19.57 7.78
N ASN B 170 2.09 18.40 8.28
CA ASN B 170 2.19 18.18 9.71
C ASN B 170 3.59 17.69 10.06
N TYR B 171 4.17 18.35 11.06
CA TYR B 171 5.52 18.09 11.55
C TYR B 171 5.53 17.66 13.01
N ILE B 172 6.55 16.89 13.38
CA ILE B 172 6.72 16.42 14.76
C ILE B 172 8.20 16.07 14.99
N THR B 173 8.69 16.27 16.21
CA THR B 173 10.10 15.97 16.50
C THR B 173 10.30 14.46 16.65
N ARG B 174 11.54 14.01 16.47
CA ARG B 174 11.84 12.61 16.66
C ARG B 174 11.65 12.30 18.14
N ASN B 175 12.02 13.26 18.98
CA ASN B 175 11.86 13.06 20.41
C ASN B 175 10.42 12.73 20.76
N ASP B 176 9.48 13.47 20.18
CA ASP B 176 8.06 13.21 20.45
C ASP B 176 7.57 11.90 19.86
N ILE B 177 8.09 11.52 18.70
CA ILE B 177 7.67 10.26 18.10
C ILE B 177 8.14 9.16 19.06
N ALA B 178 9.38 9.28 19.52
CA ALA B 178 9.93 8.30 20.45
C ALA B 178 9.11 8.24 21.73
N ARG B 179 8.66 9.38 22.25
CA ARG B 179 7.87 9.36 23.48
C ARG B 179 6.58 8.58 23.27
N GLY B 180 5.96 8.76 22.11
CA GLY B 180 4.73 8.05 21.81
C GLY B 180 4.97 6.56 21.69
N VAL B 181 6.05 6.18 21.02
CA VAL B 181 6.39 4.78 20.84
C VAL B 181 6.68 4.11 22.20
N ILE B 182 7.42 4.82 23.05
CA ILE B 182 7.76 4.32 24.38
C ILE B 182 6.48 4.11 25.20
N ALA B 183 5.56 5.06 25.10
CA ALA B 183 4.30 4.97 25.84
C ALA B 183 3.54 3.72 25.40
N ILE B 184 3.58 3.42 24.10
CA ILE B 184 2.88 2.25 23.59
C ILE B 184 3.55 0.98 24.12
N ILE B 185 4.88 0.93 24.03
CA ILE B 185 5.65 -0.22 24.49
C ILE B 185 5.37 -0.54 25.95
N LYS B 186 5.38 0.49 26.80
CA LYS B 186 5.16 0.33 28.23
C LYS B 186 3.75 -0.11 28.64
N ASN B 187 2.77 0.11 27.78
CA ASN B 187 1.40 -0.28 28.10
C ASN B 187 0.76 -1.16 27.04
N PRO B 188 0.82 -2.49 27.23
CA PRO B 188 0.25 -3.47 26.28
C PRO B 188 -1.24 -3.29 25.97
N ASP B 189 -1.93 -2.51 26.78
CA ASP B 189 -3.35 -2.27 26.54
C ASP B 189 -3.56 -1.37 25.33
N THR B 190 -2.49 -0.72 24.88
CA THR B 190 -2.56 0.16 23.72
C THR B 190 -2.24 -0.60 22.44
N TRP B 191 -1.78 -1.84 22.57
CA TRP B 191 -1.43 -2.65 21.41
C TRP B 191 -2.62 -3.08 20.55
N GLY B 192 -2.34 -3.38 19.28
CA GLY B 192 -3.38 -3.84 18.36
C GLY B 192 -4.20 -2.75 17.71
N LYS B 193 -3.80 -1.51 17.92
CA LYS B 193 -4.53 -0.40 17.33
C LYS B 193 -3.64 0.36 16.34
N ARG B 194 -4.26 1.21 15.52
CA ARG B 194 -3.54 2.00 14.53
C ARG B 194 -3.42 3.41 15.11
N TYR B 195 -2.21 3.95 15.11
CA TYR B 195 -1.97 5.27 15.66
C TYR B 195 -1.31 6.23 14.68
N LEU B 196 -1.53 7.52 14.90
CA LEU B 196 -0.90 8.57 14.10
C LEU B 196 -0.27 9.51 15.12
N LEU B 197 1.05 9.65 15.07
CA LEU B 197 1.73 10.56 15.98
C LEU B 197 1.97 11.84 15.20
N SER B 198 1.14 12.85 15.47
CA SER B 198 1.22 14.13 14.78
C SER B 198 1.61 15.25 15.75
N GLY B 199 2.19 16.32 15.21
CA GLY B 199 2.59 17.45 16.02
C GLY B 199 1.79 18.68 15.65
N TYR B 200 2.31 19.48 14.72
CA TYR B 200 1.61 20.68 14.27
C TYR B 200 1.68 20.83 12.75
N SER B 201 0.58 21.29 12.17
CA SER B 201 0.52 21.50 10.72
C SER B 201 0.83 22.96 10.42
N TYR B 202 1.73 23.17 9.48
CA TYR B 202 2.15 24.50 9.07
C TYR B 202 2.11 24.60 7.56
N ASP B 203 1.60 25.71 7.03
CA ASP B 203 1.63 25.89 5.59
C ASP B 203 3.06 26.38 5.41
N MSE B 204 3.57 26.39 4.17
CA MSE B 204 4.95 26.81 3.97
C MSE B 204 5.20 28.28 4.30
O MSE B 204 6.34 28.68 4.55
CB MSE B 204 5.39 26.51 2.53
CG MSE B 204 5.43 25.02 2.21
SE MSE B 204 6.54 23.98 3.42
CE MSE B 204 5.20 23.43 4.72
N LYS B 205 4.15 29.07 4.32
CA LYS B 205 4.28 30.50 4.64
C LYS B 205 4.58 30.66 6.12
N GLU B 206 3.88 29.91 6.97
CA GLU B 206 4.09 29.98 8.41
C GLU B 206 5.46 29.38 8.74
N LEU B 207 5.82 28.32 8.03
CA LEU B 207 7.10 27.67 8.26
C LEU B 207 8.22 28.69 8.03
N ALA B 208 8.12 29.43 6.93
CA ALA B 208 9.14 30.43 6.60
C ALA B 208 9.20 31.51 7.68
N ALA B 209 8.04 31.93 8.17
CA ALA B 209 7.98 32.97 9.21
C ALA B 209 8.64 32.47 10.50
N ILE B 210 8.41 31.20 10.84
CA ILE B 210 8.99 30.60 12.03
C ILE B 210 10.51 30.58 11.92
N LEU B 211 10.99 30.07 10.79
CA LEU B 211 12.44 29.98 10.55
C LEU B 211 13.07 31.36 10.51
N SER B 212 12.34 32.35 9.99
CA SER B 212 12.84 33.71 9.90
C SER B 212 13.09 34.33 11.28
N GLU B 213 12.08 34.29 12.14
CA GLU B 213 12.22 34.86 13.47
C GLU B 213 13.17 34.04 14.36
N ALA B 214 13.35 32.77 14.04
CA ALA B 214 14.24 31.91 14.80
C ALA B 214 15.68 32.18 14.37
N SER B 215 15.87 32.33 13.07
CA SER B 215 17.18 32.59 12.50
C SER B 215 17.60 34.05 12.65
N GLY B 216 16.63 34.94 12.63
CA GLY B 216 16.93 36.36 12.75
C GLY B 216 17.14 36.96 11.37
N THR B 217 17.08 36.10 10.36
CA THR B 217 17.26 36.55 8.98
C THR B 217 15.95 36.37 8.22
N GLU B 218 15.75 37.19 7.18
CA GLU B 218 14.54 37.11 6.38
C GLU B 218 14.53 35.89 5.46
N ILE B 219 13.48 35.08 5.57
CA ILE B 219 13.33 33.89 4.75
C ILE B 219 11.89 33.85 4.24
N LYS B 220 11.71 34.07 2.95
CA LYS B 220 10.38 34.06 2.36
C LYS B 220 10.12 32.77 1.60
N TYR B 221 8.85 32.39 1.51
CA TYR B 221 8.49 31.16 0.80
C TYR B 221 8.42 31.40 -0.70
N GLU B 222 9.42 30.92 -1.41
CA GLU B 222 9.50 31.04 -2.87
C GLU B 222 9.83 29.66 -3.41
N PRO B 223 8.82 28.79 -3.49
CA PRO B 223 8.98 27.42 -3.99
C PRO B 223 9.47 27.30 -5.42
N VAL B 224 10.44 26.40 -5.62
CA VAL B 224 10.98 26.16 -6.94
C VAL B 224 10.20 25.00 -7.55
N SER B 225 10.46 24.74 -8.83
CA SER B 225 9.78 23.66 -9.53
C SER B 225 10.19 22.31 -8.95
N LEU B 226 9.40 21.28 -9.23
CA LEU B 226 9.68 19.95 -8.74
C LEU B 226 10.97 19.41 -9.37
N GLU B 227 11.22 19.78 -10.63
CA GLU B 227 12.41 19.34 -11.33
C GLU B 227 13.67 19.97 -10.72
N THR B 228 13.60 21.28 -10.47
CA THR B 228 14.73 22.01 -9.90
C THR B 228 15.06 21.49 -8.50
N PHE B 229 14.05 21.27 -7.68
CA PHE B 229 14.25 20.77 -6.33
C PHE B 229 14.96 19.42 -6.33
N ALA B 230 14.47 18.51 -7.18
CA ALA B 230 15.05 17.18 -7.29
C ALA B 230 16.50 17.24 -7.75
N GLU B 231 16.77 18.16 -8.67
CA GLU B 231 18.10 18.33 -9.22
C GLU B 231 19.12 18.84 -8.21
N MSE B 232 18.75 19.86 -7.43
CA MSE B 232 19.68 20.41 -6.46
C MSE B 232 19.77 19.61 -5.16
O MSE B 232 20.48 19.99 -4.24
CB MSE B 232 19.32 21.87 -6.16
CG MSE B 232 17.91 22.12 -5.67
SE MSE B 232 17.44 24.00 -5.69
CE MSE B 232 18.59 24.60 -4.24
N TYR B 233 19.06 18.48 -5.11
CA TYR B 233 19.10 17.63 -3.92
C TYR B 233 19.09 16.14 -4.29
N ASP B 234 19.55 15.84 -5.50
CA ASP B 234 19.60 14.46 -5.96
C ASP B 234 20.87 13.75 -5.51
N GLU B 235 20.90 13.35 -4.25
CA GLU B 235 22.07 12.67 -3.69
C GLU B 235 21.66 11.86 -2.47
N PRO B 236 21.78 10.52 -2.55
CA PRO B 236 22.28 9.75 -3.69
C PRO B 236 21.32 9.79 -4.88
N LYS B 237 21.75 9.17 -5.99
CA LYS B 237 20.93 9.14 -7.20
C LYS B 237 19.54 8.58 -6.94
N GLY B 238 18.53 9.32 -7.37
CA GLY B 238 17.15 8.90 -7.17
C GLY B 238 16.48 9.58 -6.00
N PHE B 239 17.28 10.00 -5.03
CA PHE B 239 16.75 10.67 -3.84
C PHE B 239 16.11 12.01 -4.17
N GLY B 240 16.65 12.69 -5.19
CA GLY B 240 16.12 13.98 -5.57
C GLY B 240 14.64 13.97 -5.89
N ALA B 241 14.23 13.10 -6.81
CA ALA B 241 12.83 13.00 -7.19
C ALA B 241 11.98 12.49 -6.03
N LEU B 242 12.58 11.68 -5.17
CA LEU B 242 11.87 11.13 -4.03
C LEU B 242 11.54 12.23 -3.01
N LEU B 243 12.51 13.09 -2.74
CA LEU B 243 12.29 14.18 -1.80
C LEU B 243 11.25 15.14 -2.37
N ALA B 244 11.36 15.42 -3.66
CA ALA B 244 10.41 16.32 -4.31
C ALA B 244 8.99 15.75 -4.24
N SER B 245 8.86 14.44 -4.46
CA SER B 245 7.55 13.80 -4.43
C SER B 245 6.92 13.91 -3.05
N MSE B 246 7.76 14.01 -2.01
CA MSE B 246 7.25 14.13 -0.65
C MSE B 246 6.55 15.48 -0.50
O MSE B 246 5.42 15.56 -0.01
CB MSE B 246 8.40 14.00 0.35
CG MSE B 246 7.97 13.86 1.80
SE MSE B 246 9.45 13.32 2.93
CE MSE B 246 10.37 15.01 3.00
N TYR B 247 7.21 16.56 -0.93
CA TYR B 247 6.59 17.87 -0.82
C TYR B 247 5.43 18.01 -1.81
N HIS B 248 5.50 17.27 -2.91
CA HIS B 248 4.42 17.29 -3.89
C HIS B 248 3.16 16.72 -3.23
N ALA B 249 3.35 15.71 -2.39
CA ALA B 249 2.22 15.11 -1.68
C ALA B 249 1.64 16.20 -0.77
N GLY B 250 2.52 17.05 -0.24
CA GLY B 250 2.07 18.12 0.62
C GLY B 250 1.27 19.15 -0.15
N ALA B 251 1.65 19.37 -1.40
CA ALA B 251 0.97 20.33 -2.26
C ALA B 251 -0.47 19.87 -2.50
N ARG B 252 -0.68 18.56 -2.45
CA ARG B 252 -2.00 17.99 -2.67
C ARG B 252 -2.82 17.90 -1.38
N GLY B 253 -2.26 18.41 -0.28
CA GLY B 253 -2.96 18.39 0.98
C GLY B 253 -3.02 17.04 1.67
N LEU B 254 -2.17 16.11 1.24
CA LEU B 254 -2.15 14.77 1.81
C LEU B 254 -1.28 14.63 3.07
N LEU B 255 -0.59 15.69 3.44
CA LEU B 255 0.28 15.65 4.62
C LEU B 255 -0.26 16.46 5.80
N ASP B 256 -1.48 16.99 5.65
CA ASP B 256 -2.10 17.74 6.74
C ASP B 256 -2.95 16.75 7.51
N GLN B 257 -2.28 15.87 8.25
CA GLN B 257 -2.93 14.83 9.03
C GLN B 257 -2.69 15.03 10.51
N GLU B 258 -3.76 14.98 11.30
CA GLU B 258 -3.64 15.15 12.74
C GLU B 258 -4.46 14.12 13.50
N SER B 259 -4.09 13.90 14.75
CA SER B 259 -4.78 12.98 15.63
C SER B 259 -4.48 13.40 17.05
N ASN B 260 -5.27 12.91 18.00
CA ASN B 260 -5.03 13.25 19.39
C ASN B 260 -4.26 12.12 20.07
N ASP B 261 -3.77 11.17 19.28
CA ASP B 261 -3.05 10.03 19.83
C ASP B 261 -1.84 10.38 20.69
N PHE B 262 -1.05 11.37 20.28
CA PHE B 262 0.13 11.75 21.07
C PHE B 262 -0.29 12.19 22.48
N LYS B 263 -1.25 13.10 22.54
CA LYS B 263 -1.73 13.61 23.82
C LYS B 263 -2.35 12.51 24.68
N GLN B 264 -3.10 11.60 24.05
CA GLN B 264 -3.73 10.53 24.80
C GLN B 264 -2.72 9.50 25.28
N LEU B 265 -1.65 9.32 24.52
CA LEU B 265 -0.61 8.36 24.89
C LEU B 265 0.43 8.89 25.86
N VAL B 266 0.92 10.10 25.61
CA VAL B 266 1.96 10.70 26.44
C VAL B 266 1.43 11.68 27.49
N ASN B 267 0.14 12.02 27.39
CA ASN B 267 -0.48 12.94 28.34
C ASN B 267 0.26 14.29 28.36
N ASP B 268 0.60 14.80 27.18
CA ASP B 268 1.30 16.06 27.07
C ASP B 268 1.11 16.62 25.67
N GLN B 269 1.51 17.87 25.48
CA GLN B 269 1.40 18.53 24.18
C GLN B 269 2.69 18.33 23.40
N PRO B 270 2.60 18.12 22.08
CA PRO B 270 3.82 17.93 21.29
C PRO B 270 4.60 19.24 21.26
N GLN B 271 5.91 19.15 21.08
CA GLN B 271 6.74 20.34 21.02
C GLN B 271 6.56 21.07 19.70
N THR B 272 6.37 22.39 19.77
CA THR B 272 6.18 23.22 18.58
C THR B 272 7.52 23.41 17.89
N LEU B 273 7.49 23.81 16.62
CA LEU B 273 8.72 24.05 15.89
C LEU B 273 9.50 25.21 16.54
N GLN B 274 8.78 26.25 16.92
CA GLN B 274 9.39 27.42 17.56
C GLN B 274 10.21 27.00 18.78
N SER B 275 9.59 26.17 19.62
CA SER B 275 10.22 25.68 20.83
C SER B 275 11.41 24.79 20.50
N PHE B 276 11.26 23.94 19.50
CA PHE B 276 12.31 23.03 19.07
C PHE B 276 13.56 23.78 18.63
N LEU B 277 13.36 24.84 17.84
CA LEU B 277 14.46 25.64 17.35
C LEU B 277 15.08 26.48 18.47
N GLN B 278 14.25 26.88 19.43
CA GLN B 278 14.69 27.70 20.56
C GLN B 278 15.52 26.87 21.55
N GLU B 279 15.57 25.56 21.33
CA GLU B 279 16.31 24.66 22.20
C GLU B 279 17.70 25.21 22.47
N ASN B 280 18.37 25.65 21.40
CA ASN B 280 19.70 26.21 21.50
C ASN B 280 19.86 27.36 20.52
N ILE B 281 20.61 28.38 20.93
CA ILE B 281 20.84 29.53 20.07
C ILE B 281 21.49 29.06 18.78
N LEU B 282 20.86 29.41 17.66
CA LEU B 282 21.34 29.02 16.34
C LEU B 282 22.72 29.61 16.05
N GLU B 283 23.58 28.80 15.45
CA GLU B 283 24.93 29.25 15.10
C GLU B 283 24.84 30.17 13.89
N HIS B 284 25.19 31.43 14.08
CA HIS B 284 25.16 32.41 13.01
C HIS B 284 26.44 32.32 12.18
N HIS B 285 26.35 32.72 10.91
CA HIS B 285 27.51 32.65 10.01
C HIS B 285 28.53 33.76 10.25
N HIS B 286 28.20 34.71 11.12
CA HIS B 286 29.10 35.80 11.45
C HIS B 286 29.50 35.73 12.92
N HIS B 287 30.55 36.45 13.28
CA HIS B 287 31.02 36.45 14.65
C HIS B 287 30.36 37.49 15.53
N HIS B 288 30.17 37.14 16.79
CA HIS B 288 29.55 38.04 17.77
C HIS B 288 30.45 38.11 19.00
N HIS B 289 31.66 38.61 18.80
CA HIS B 289 32.61 38.74 19.91
C HIS B 289 32.37 40.00 20.73
MG MG C . -2.79 13.83 -19.13
MG MG D . 0.76 -19.04 -21.73
#